data_1QBV
#
_entry.id   1QBV
#
_cell.length_a   70.900
_cell.length_b   71.800
_cell.length_c   72.700
_cell.angle_alpha   90.00
_cell.angle_beta   100.52
_cell.angle_gamma   90.00
#
_symmetry.space_group_name_H-M   'C 1 2 1'
#
loop_
_entity.id
_entity.type
_entity.pdbx_description
1 polymer 'THROMBIN (LIGHT CHAIN)'
2 polymer 'THROMBIN (HEAVY CHAIN)'
3 polymer Hirudin
4 non-polymer [PHENYLALANINYL-PROLINYL]-[2-(PYRIDIN-4-YLAMINO)-ETHYL]-AMINE
5 water water
#
loop_
_entity_poly.entity_id
_entity_poly.type
_entity_poly.pdbx_seq_one_letter_code
_entity_poly.pdbx_strand_id
1 'polypeptide(L)' TFGSGEADCGLRPLFEKKSLEDKTERELLESYIDGR L
2 'polypeptide(L)'
;IVEGSDAEIGMSPWQVMLFRKSPQELLCGASLISDRWVLTAAHCLLYPPWDKNFTENDLLVRIGKHSRTRYERNIEKISM
LEKIYIHPRYNWRENLDRDIALMKLKKPVAFSDYIHPVCLPDRETAASLLQAGYKGRVTGWGNLKETWTANVGKGQPSVL
QVVNLPIVERPVCKDSTRIRITDNMFCAGYKPDEGKRGDACEGDSGGPFVMKSPFNNRWYQMGIVSWGEGCDRDGKYGFY
THVFRLKKWIQKVIDQFGE
;
H
3 'polypeptide(L)' DFEEIPEE(TYS)LQ E
#
# COMPACT_ATOMS: atom_id res chain seq x y z
N ALA A 7 16.88 -7.49 4.82
CA ALA A 7 18.31 -7.23 4.41
C ALA A 7 18.45 -7.25 2.90
N ASP A 8 17.60 -8.04 2.25
CA ASP A 8 17.43 -7.96 0.81
C ASP A 8 16.25 -7.06 0.39
N CYS A 9 15.71 -6.32 1.35
CA CYS A 9 14.46 -5.61 1.16
C CYS A 9 14.57 -4.59 0.04
N GLY A 10 13.50 -4.46 -0.72
CA GLY A 10 13.43 -3.37 -1.67
C GLY A 10 14.25 -3.59 -2.93
N LEU A 11 14.83 -4.77 -3.12
CA LEU A 11 15.50 -5.12 -4.38
C LEU A 11 14.76 -6.24 -5.10
N ARG A 12 14.11 -5.88 -6.19
CA ARG A 12 13.17 -6.79 -6.86
C ARG A 12 13.90 -7.83 -7.72
N PRO A 13 13.53 -9.12 -7.56
CA PRO A 13 14.17 -10.20 -8.32
C PRO A 13 14.22 -9.95 -9.81
N LEU A 14 13.16 -9.35 -10.37
CA LEU A 14 13.07 -9.27 -11.83
C LEU A 14 13.55 -7.94 -12.37
N PHE A 15 13.96 -7.05 -11.47
CA PHE A 15 14.42 -5.72 -11.91
C PHE A 15 15.80 -5.38 -11.35
N GLU A 16 15.88 -4.86 -10.13
CA GLU A 16 17.16 -4.46 -9.56
C GLU A 16 18.20 -5.59 -9.58
N LYS A 17 17.79 -6.78 -9.14
CA LYS A 17 18.69 -7.91 -9.07
C LYS A 17 19.28 -8.29 -10.42
N LYS A 18 18.57 -8.00 -11.51
CA LYS A 18 19.02 -8.32 -12.87
C LYS A 18 19.52 -7.07 -13.56
N SER A 19 19.51 -5.97 -12.84
CA SER A 19 19.81 -4.67 -13.42
C SER A 19 18.89 -4.37 -14.62
N LEU A 20 17.59 -4.67 -14.44
CA LEU A 20 16.55 -4.23 -15.36
C LEU A 20 15.69 -3.13 -14.71
N GLU A 21 15.32 -2.13 -15.50
CA GLU A 21 14.49 -1.03 -15.03
C GLU A 21 13.06 -1.26 -15.48
N ASP A 22 12.08 -0.93 -14.63
CA ASP A 22 10.71 -0.94 -15.10
C ASP A 22 10.42 0.34 -15.88
N LYS A 23 9.27 0.36 -16.53
CA LYS A 23 8.94 1.34 -17.56
C LYS A 23 8.76 2.79 -17.07
N THR A 24 8.49 3.00 -15.78
CA THR A 24 8.28 4.35 -15.32
C THR A 24 9.15 4.76 -14.14
N GLU A 25 10.05 3.90 -13.67
CA GLU A 25 10.79 4.25 -12.47
C GLU A 25 11.68 5.46 -12.65
N ARG A 26 11.98 5.78 -13.90
CA ARG A 26 12.77 6.95 -14.23
C ARG A 26 12.05 8.25 -13.85
N GLU A 27 10.73 8.28 -14.03
CA GLU A 27 9.92 9.43 -13.65
C GLU A 27 10.08 9.76 -12.16
N LEU A 28 10.18 8.72 -11.34
CA LEU A 28 10.44 8.88 -9.93
C LEU A 28 11.80 9.52 -9.70
N LEU A 29 12.82 8.93 -10.30
CA LEU A 29 14.18 9.33 -10.04
C LEU A 29 14.49 10.70 -10.66
N GLU A 30 13.79 11.05 -11.73
CA GLU A 30 13.94 12.38 -12.31
C GLU A 30 13.29 13.46 -11.48
N SER A 31 12.44 13.07 -10.53
CA SER A 31 11.75 14.04 -9.68
C SER A 31 12.56 14.39 -8.44
N TYR A 32 13.58 13.57 -8.13
CA TYR A 32 14.35 13.74 -6.91
C TYR A 32 15.53 14.68 -7.14
N ILE B 1 -7.19 2.24 -8.62
CA ILE B 1 -6.28 3.32 -9.08
C ILE B 1 -6.95 4.00 -10.29
N VAL B 2 -7.03 5.31 -10.23
CA VAL B 2 -7.62 6.11 -11.29
C VAL B 2 -6.50 6.72 -12.11
N GLU B 3 -6.56 6.52 -13.43
CA GLU B 3 -5.57 7.04 -14.38
C GLU B 3 -4.19 6.42 -14.20
N GLY B 4 -4.15 5.16 -13.78
CA GLY B 4 -2.91 4.41 -13.73
C GLY B 4 -2.72 3.51 -14.94
N SER B 5 -1.70 2.66 -14.90
CA SER B 5 -1.43 1.69 -15.97
C SER B 5 -1.35 0.30 -15.38
N ASP B 6 -1.36 -0.71 -16.24
CA ASP B 6 -1.12 -2.10 -15.83
C ASP B 6 0.29 -2.16 -15.27
N ALA B 7 0.46 -2.82 -14.13
CA ALA B 7 1.78 -3.09 -13.60
C ALA B 7 2.49 -4.10 -14.50
N GLU B 8 3.82 -4.05 -14.51
CA GLU B 8 4.61 -5.14 -15.05
C GLU B 8 4.65 -6.32 -14.09
N ILE B 9 4.89 -7.51 -14.62
CA ILE B 9 5.06 -8.69 -13.80
C ILE B 9 6.29 -8.47 -12.90
N GLY B 10 6.12 -8.75 -11.62
CA GLY B 10 7.19 -8.58 -10.65
C GLY B 10 7.54 -7.14 -10.29
N MET B 11 6.76 -6.17 -10.75
CA MET B 11 7.03 -4.76 -10.51
C MET B 11 6.86 -4.34 -9.05
N SER B 12 5.90 -4.94 -8.36
CA SER B 12 5.65 -4.65 -6.95
C SER B 12 5.53 -5.96 -6.21
N PRO B 13 6.65 -6.62 -5.94
CA PRO B 13 6.57 -7.97 -5.38
C PRO B 13 6.20 -8.00 -3.89
N TRP B 14 6.10 -6.82 -3.28
CA TRP B 14 5.62 -6.70 -1.91
C TRP B 14 4.11 -6.49 -1.82
N GLN B 15 3.45 -6.33 -2.96
CA GLN B 15 2.02 -6.02 -2.96
C GLN B 15 1.25 -7.20 -2.42
N VAL B 16 0.39 -6.93 -1.46
CA VAL B 16 -0.42 -7.98 -0.87
C VAL B 16 -1.92 -7.66 -1.08
N MET B 17 -2.72 -8.70 -1.34
CA MET B 17 -4.18 -8.58 -1.38
C MET B 17 -4.83 -9.13 -0.12
N LEU B 18 -5.55 -8.25 0.59
CA LEU B 18 -6.40 -8.68 1.70
C LEU B 18 -7.68 -9.25 1.12
N PHE B 19 -8.00 -10.48 1.47
CA PHE B 19 -9.05 -11.21 0.79
C PHE B 19 -10.04 -11.80 1.79
N ARG B 20 -11.29 -11.39 1.67
CA ARG B 20 -12.35 -11.91 2.52
C ARG B 20 -12.73 -13.35 2.15
N LYS B 21 -12.90 -14.21 3.15
CA LYS B 21 -13.24 -15.61 2.91
C LYS B 21 -14.68 -15.78 2.39
N SER B 22 -15.64 -15.19 3.08
CA SER B 22 -17.03 -15.22 2.61
C SER B 22 -17.82 -13.98 3.03
N PRO B 23 -18.39 -13.26 2.05
CA PRO B 23 -18.18 -13.52 0.62
C PRO B 23 -16.71 -13.30 0.21
N GLN B 24 -16.22 -14.15 -0.68
CA GLN B 24 -14.86 -14.05 -1.17
C GLN B 24 -14.76 -12.74 -1.92
N GLU B 25 -14.13 -11.74 -1.33
CA GLU B 25 -13.97 -10.46 -2.01
C GLU B 25 -12.66 -9.79 -1.61
N LEU B 26 -12.13 -8.96 -2.50
CA LEU B 26 -10.96 -8.17 -2.16
C LEU B 26 -11.41 -7.15 -1.13
N LEU B 27 -10.73 -7.14 0.01
CA LEU B 27 -10.93 -6.18 1.09
C LEU B 27 -10.12 -4.88 0.93
N CYS B 28 -8.85 -5.00 0.56
CA CYS B 28 -7.88 -3.91 0.70
C CYS B 28 -6.58 -4.39 0.08
N GLY B 29 -5.66 -3.46 -0.18
CA GLY B 29 -4.26 -3.83 -0.38
C GLY B 29 -3.50 -3.87 0.94
N ALA B 30 -2.20 -4.12 0.84
CA ALA B 30 -1.34 -4.30 2.00
C ALA B 30 0.04 -4.53 1.40
N SER B 31 1.06 -4.68 2.26
CA SER B 31 2.44 -4.87 1.81
C SER B 31 3.23 -5.85 2.68
N LEU B 32 4.18 -6.54 2.03
CA LEU B 32 4.98 -7.54 2.70
C LEU B 32 6.28 -6.86 3.11
N ILE B 33 6.51 -6.78 4.42
CA ILE B 33 7.70 -6.16 4.97
C ILE B 33 8.71 -7.15 5.61
N SER B 34 8.28 -8.39 5.86
CA SER B 34 9.20 -9.50 6.08
C SER B 34 8.47 -10.79 5.68
N ASP B 35 9.07 -11.96 5.94
CA ASP B 35 8.45 -13.21 5.54
C ASP B 35 7.25 -13.59 6.38
N ARG B 36 6.99 -12.81 7.43
CA ARG B 36 5.87 -13.09 8.31
C ARG B 36 4.98 -11.91 8.65
N TRP B 37 5.35 -10.71 8.21
CA TRP B 37 4.61 -9.51 8.62
C TRP B 37 4.08 -8.72 7.44
N VAL B 38 2.81 -8.35 7.54
CA VAL B 38 2.14 -7.56 6.51
C VAL B 38 1.65 -6.23 7.11
N LEU B 39 1.88 -5.15 6.39
CA LEU B 39 1.48 -3.81 6.83
C LEU B 39 0.26 -3.36 6.04
N THR B 40 -0.74 -2.80 6.72
CA THR B 40 -1.94 -2.32 6.04
C THR B 40 -2.51 -1.10 6.77
N ALA B 41 -3.65 -0.58 6.31
CA ALA B 41 -4.34 0.51 7.02
C ALA B 41 -5.30 -0.06 8.05
N ALA B 42 -5.31 0.53 9.25
CA ALA B 42 -6.22 0.06 10.31
C ALA B 42 -7.69 0.06 9.90
N HIS B 43 -8.06 1.00 9.04
CA HIS B 43 -9.46 1.12 8.64
C HIS B 43 -9.93 -0.02 7.72
N CYS B 44 -8.96 -0.75 7.16
CA CYS B 44 -9.26 -1.97 6.42
C CYS B 44 -9.84 -3.04 7.32
N LEU B 45 -9.51 -3.00 8.60
CA LEU B 45 -9.90 -4.04 9.54
C LEU B 45 -10.96 -3.55 10.52
N LEU B 46 -10.88 -2.28 10.88
CA LEU B 46 -11.70 -1.73 11.94
C LEU B 46 -12.19 -0.35 11.56
N TYR B 47 -13.50 -0.24 11.38
CA TYR B 47 -14.13 1.04 11.11
C TYR B 47 -15.59 1.02 11.57
N PRO B 48 -15.81 1.29 12.86
CA PRO B 48 -17.13 1.14 13.51
C PRO B 48 -18.29 1.89 12.87
N PRO B 49 -18.05 3.08 12.29
CA PRO B 49 -19.14 3.78 11.64
C PRO B 49 -19.80 2.98 10.53
N TRP B 50 -19.02 2.10 9.89
CA TRP B 50 -19.53 1.22 8.84
C TRP B 50 -19.75 -0.20 9.35
N ASP B 51 -19.70 -0.38 10.67
CA ASP B 51 -19.76 -1.70 11.27
C ASP B 51 -18.73 -2.67 10.69
N LYS B 52 -17.51 -2.18 10.47
CA LYS B 52 -16.43 -3.04 10.03
C LYS B 52 -15.52 -3.36 11.20
N ASN B 53 -15.35 -4.66 11.47
CA ASN B 53 -14.45 -5.11 12.51
C ASN B 53 -14.05 -6.56 12.25
N PHE B 54 -13.09 -6.74 11.33
CA PHE B 54 -12.60 -8.06 10.95
C PHE B 54 -11.61 -8.62 11.96
N THR B 55 -11.66 -9.94 12.13
CA THR B 55 -10.65 -10.64 12.91
C THR B 55 -9.82 -11.59 12.03
N GLU B 56 -8.87 -12.25 12.66
CA GLU B 56 -7.91 -13.11 11.98
C GLU B 56 -8.58 -14.13 11.06
N ASN B 57 -9.62 -14.77 11.55
CA ASN B 57 -10.21 -15.84 10.79
C ASN B 57 -11.17 -15.39 9.72
N ASP B 58 -11.37 -14.08 9.62
CA ASP B 58 -12.25 -13.52 8.58
C ASP B 58 -11.48 -13.41 7.28
N LEU B 59 -10.17 -13.58 7.40
CA LEU B 59 -9.24 -13.04 6.41
C LEU B 59 -8.25 -14.03 5.84
N LEU B 60 -7.84 -13.79 4.60
CA LEU B 60 -6.72 -14.45 3.96
C LEU B 60 -5.87 -13.36 3.31
N VAL B 61 -4.53 -13.46 3.40
CA VAL B 61 -3.68 -12.61 2.58
C VAL B 61 -3.14 -13.38 1.35
N ARG B 62 -3.28 -12.79 0.19
CA ARG B 62 -2.76 -13.37 -1.04
C ARG B 62 -1.57 -12.54 -1.56
N ILE B 63 -0.46 -13.24 -1.80
CA ILE B 63 0.83 -12.61 -2.08
C ILE B 63 1.38 -13.16 -3.38
N GLY B 64 1.95 -12.30 -4.22
CA GLY B 64 2.55 -12.74 -5.47
C GLY B 64 1.62 -12.53 -6.64
N LYS B 65 0.51 -11.83 -6.41
CA LYS B 65 -0.54 -11.72 -7.43
C LYS B 65 -0.31 -10.64 -8.48
N HIS B 66 -0.99 -10.82 -9.60
CA HIS B 66 -0.98 -9.85 -10.68
C HIS B 66 -2.44 -9.63 -11.16
N SER B 67 -3.08 -10.71 -11.58
CA SER B 67 -4.51 -10.75 -11.87
C SER B 67 -5.31 -10.54 -10.58
N ARG B 68 -6.31 -9.67 -10.65
CA ARG B 68 -7.21 -9.42 -9.52
C ARG B 68 -8.02 -10.66 -9.13
N THR B 69 -8.63 -11.33 -10.10
CA THR B 69 -9.63 -12.35 -9.79
C THR B 69 -9.20 -13.82 -10.00
N ARG B 70 -8.20 -14.04 -10.84
CA ARG B 70 -7.71 -15.39 -11.07
C ARG B 70 -6.98 -15.93 -9.83
N TYR B 71 -7.12 -17.22 -9.57
CA TYR B 71 -6.26 -17.86 -8.59
C TYR B 71 -5.00 -18.28 -9.33
N GLU B 72 -3.89 -17.59 -9.06
CA GLU B 72 -2.71 -17.70 -9.91
C GLU B 72 -1.79 -18.86 -9.49
N ARG B 73 -2.18 -20.04 -9.96
CA ARG B 73 -1.62 -21.34 -9.58
C ARG B 73 -0.13 -21.39 -9.88
N ASN B 74 0.62 -21.80 -8.84
CA ASN B 74 2.07 -21.86 -8.86
C ASN B 74 2.76 -20.50 -8.80
N ILE B 75 1.99 -19.40 -8.73
CA ILE B 75 2.57 -18.05 -8.63
C ILE B 75 2.23 -17.34 -7.30
N GLU B 76 0.95 -17.24 -6.97
CA GLU B 76 0.58 -16.67 -5.68
C GLU B 76 0.65 -17.63 -4.51
N LYS B 77 0.87 -17.08 -3.32
CA LYS B 77 0.70 -17.81 -2.08
C LYS B 77 -0.39 -17.15 -1.24
N ILE B 78 -1.22 -17.99 -0.63
CA ILE B 78 -2.34 -17.54 0.19
C ILE B 78 -2.01 -17.93 1.62
N SER B 79 -1.99 -16.96 2.54
CA SER B 79 -1.64 -17.23 3.92
C SER B 79 -2.74 -16.88 4.89
N MET B 80 -2.74 -17.57 6.02
CA MET B 80 -3.69 -17.32 7.10
C MET B 80 -3.02 -16.42 8.10
N LEU B 81 -3.84 -15.67 8.84
CA LEU B 81 -3.33 -14.73 9.81
C LEU B 81 -3.28 -15.35 11.18
N GLU B 82 -2.20 -15.06 11.89
CA GLU B 82 -2.06 -15.45 13.28
C GLU B 82 -2.60 -14.39 14.24
N LYS B 83 -2.36 -13.11 13.91
CA LYS B 83 -2.65 -12.02 14.83
C LYS B 83 -2.69 -10.69 14.09
N ILE B 84 -3.67 -9.88 14.42
CA ILE B 84 -3.80 -8.55 13.86
C ILE B 84 -3.45 -7.55 14.98
N TYR B 85 -2.66 -6.54 14.67
CA TYR B 85 -2.32 -5.50 15.64
C TYR B 85 -2.66 -4.13 15.06
N ILE B 86 -3.58 -3.44 15.72
CA ILE B 86 -4.01 -2.11 15.30
C ILE B 86 -3.32 -1.12 16.22
N HIS B 87 -2.90 0.01 15.68
CA HIS B 87 -2.37 1.08 16.51
C HIS B 87 -3.33 1.42 17.63
N PRO B 88 -2.84 1.43 18.89
CA PRO B 88 -3.69 1.72 20.04
C PRO B 88 -4.34 3.12 19.99
N ARG B 89 -3.75 4.05 19.25
CA ARG B 89 -4.32 5.39 19.14
C ARG B 89 -4.80 5.76 17.74
N TYR B 90 -5.09 4.75 16.92
CA TYR B 90 -5.79 4.94 15.65
C TYR B 90 -7.13 5.68 15.91
N ASN B 91 -7.34 6.79 15.20
CA ASN B 91 -8.50 7.66 15.42
C ASN B 91 -9.57 7.50 14.34
N TRP B 92 -10.41 6.48 14.49
CA TRP B 92 -11.49 6.22 13.53
C TRP B 92 -12.65 7.19 13.75
N ARG B 93 -12.70 7.77 14.95
CA ARG B 93 -13.79 8.67 15.32
C ARG B 93 -13.76 9.99 14.57
N GLU B 94 -12.57 10.46 14.21
CA GLU B 94 -12.47 11.77 13.60
C GLU B 94 -11.81 11.78 12.22
N ASN B 95 -10.51 11.51 12.16
CA ASN B 95 -9.75 11.81 10.93
C ASN B 95 -8.84 10.68 10.43
N LEU B 96 -9.02 9.46 10.95
CA LEU B 96 -8.16 8.30 10.62
C LEU B 96 -6.69 8.57 10.95
N ASP B 97 -6.44 9.38 11.97
CA ASP B 97 -5.08 9.61 12.44
C ASP B 97 -4.52 8.27 12.95
N ARG B 98 -3.26 8.01 12.60
CA ARG B 98 -2.58 6.74 12.91
C ARG B 98 -3.28 5.52 12.30
N ASP B 99 -3.52 5.64 10.99
CA ASP B 99 -4.21 4.62 10.23
C ASP B 99 -3.22 3.50 9.84
N ILE B 100 -2.95 2.59 10.76
CA ILE B 100 -1.92 1.59 10.54
C ILE B 100 -2.18 0.34 11.36
N ALA B 101 -1.89 -0.82 10.77
CA ALA B 101 -2.10 -2.10 11.44
C ALA B 101 -1.06 -3.08 10.89
N LEU B 102 -0.60 -3.98 11.76
CA LEU B 102 0.29 -5.07 11.38
C LEU B 102 -0.48 -6.36 11.43
N MET B 103 -0.13 -7.29 10.54
CA MET B 103 -0.69 -8.63 10.58
C MET B 103 0.43 -9.67 10.57
N LYS B 104 0.48 -10.51 11.61
CA LYS B 104 1.42 -11.61 11.65
C LYS B 104 0.86 -12.85 10.95
N LEU B 105 1.60 -13.37 9.97
CA LEU B 105 1.16 -14.53 9.22
C LEU B 105 1.37 -15.80 10.03
N LYS B 106 0.52 -16.79 9.79
CA LYS B 106 0.56 -18.00 10.59
C LYS B 106 1.84 -18.81 10.31
N LYS B 107 2.35 -18.72 9.08
CA LYS B 107 3.67 -19.27 8.77
C LYS B 107 4.38 -18.31 7.83
N PRO B 108 5.72 -18.37 7.80
CA PRO B 108 6.49 -17.50 6.91
C PRO B 108 6.31 -17.87 5.45
N VAL B 109 6.20 -16.85 4.62
CA VAL B 109 6.04 -17.05 3.19
C VAL B 109 7.44 -17.16 2.60
N ALA B 110 7.58 -17.97 1.56
CA ALA B 110 8.84 -18.07 0.85
C ALA B 110 8.88 -17.05 -0.27
N PHE B 111 10.03 -16.38 -0.37
CA PHE B 111 10.23 -15.36 -1.38
C PHE B 111 10.49 -16.02 -2.73
N SER B 112 10.27 -15.28 -3.80
CA SER B 112 10.35 -15.81 -5.16
C SER B 112 10.51 -14.60 -6.06
N ASP B 113 10.44 -14.81 -7.37
CA ASP B 113 10.49 -13.70 -8.31
C ASP B 113 9.33 -12.71 -8.10
N TYR B 114 8.24 -13.20 -7.51
CA TYR B 114 6.97 -12.48 -7.48
C TYR B 114 6.60 -12.01 -6.08
N ILE B 115 7.39 -12.44 -5.10
CA ILE B 115 7.13 -12.25 -3.69
C ILE B 115 8.44 -11.82 -3.02
N HIS B 116 8.49 -10.60 -2.51
CA HIS B 116 9.72 -10.03 -1.97
C HIS B 116 9.36 -8.80 -1.12
N PRO B 117 9.97 -8.66 0.06
CA PRO B 117 9.61 -7.55 0.95
C PRO B 117 10.15 -6.17 0.55
N VAL B 118 9.37 -5.14 0.86
CA VAL B 118 9.83 -3.75 0.71
C VAL B 118 10.57 -3.31 1.98
N CYS B 119 11.44 -2.31 1.89
CA CYS B 119 12.06 -1.75 3.08
C CYS B 119 11.16 -0.76 3.81
N LEU B 120 11.38 -0.61 5.10
CA LEU B 120 10.81 0.48 5.86
C LEU B 120 11.85 1.58 6.05
N PRO B 121 11.43 2.87 5.98
CA PRO B 121 12.42 3.94 5.95
C PRO B 121 13.07 4.19 7.32
N ASP B 122 14.31 4.62 7.28
CA ASP B 122 14.96 5.17 8.45
C ASP B 122 14.75 6.68 8.43
N ARG B 123 15.14 7.34 9.52
CA ARG B 123 15.00 8.78 9.66
C ARG B 123 15.55 9.59 8.50
N GLU B 124 16.71 9.20 8.00
CA GLU B 124 17.40 10.01 7.02
C GLU B 124 16.95 9.69 5.60
N THR B 125 16.39 8.51 5.41
CA THR B 125 15.71 8.21 4.15
C THR B 125 14.44 9.05 4.05
N ALA B 126 13.68 9.11 5.15
CA ALA B 126 12.48 9.93 5.23
C ALA B 126 12.79 11.41 4.99
N ALA B 127 13.80 11.90 5.69
CA ALA B 127 14.17 13.31 5.60
C ALA B 127 14.53 13.68 4.17
N SER B 128 15.28 12.78 3.54
CA SER B 128 15.80 13.01 2.20
C SER B 128 14.72 12.97 1.13
N LEU B 129 13.78 12.06 1.28
CA LEU B 129 12.88 11.75 0.18
C LEU B 129 11.49 12.34 0.31
N LEU B 130 11.02 12.51 1.55
CA LEU B 130 9.65 12.97 1.75
C LEU B 130 9.59 14.48 1.58
N GLN B 131 9.65 14.90 0.32
CA GLN B 131 9.69 16.30 -0.04
C GLN B 131 8.68 16.61 -1.14
N ALA B 132 8.07 17.80 -1.07
CA ALA B 132 7.02 18.18 -2.00
C ALA B 132 7.62 18.23 -3.39
N GLY B 133 6.94 17.63 -4.35
CA GLY B 133 7.51 17.52 -5.69
C GLY B 133 8.07 16.14 -6.00
N TYR B 134 8.65 15.47 -5.01
CA TYR B 134 9.18 14.12 -5.22
C TYR B 134 8.01 13.18 -5.44
N LYS B 135 8.18 12.27 -6.38
CA LYS B 135 7.13 11.34 -6.74
C LYS B 135 7.32 10.02 -6.05
N GLY B 136 6.22 9.42 -5.60
CA GLY B 136 6.21 8.04 -5.16
C GLY B 136 5.28 7.29 -6.08
N ARG B 137 5.04 6.02 -5.76
CA ARG B 137 4.29 5.10 -6.61
C ARG B 137 3.24 4.39 -5.79
N VAL B 138 2.01 4.34 -6.29
CA VAL B 138 0.93 3.63 -5.57
C VAL B 138 0.43 2.53 -6.49
N THR B 139 0.14 1.39 -5.90
CA THR B 139 -0.35 0.24 -6.62
C THR B 139 -1.63 -0.35 -6.02
N GLY B 140 -2.46 -0.96 -6.85
CA GLY B 140 -3.65 -1.61 -6.31
C GLY B 140 -4.60 -2.17 -7.35
N TRP B 141 -5.62 -2.87 -6.87
CA TRP B 141 -6.62 -3.54 -7.70
C TRP B 141 -7.98 -2.88 -7.48
N GLY B 142 -7.97 -1.70 -6.84
CA GLY B 142 -9.20 -0.98 -6.57
C GLY B 142 -9.78 -0.32 -7.81
N ASN B 143 -10.79 0.51 -7.57
CA ASN B 143 -11.60 1.01 -8.65
C ASN B 143 -10.82 1.90 -9.59
N LEU B 144 -11.22 1.87 -10.84
CA LEU B 144 -10.58 2.64 -11.89
C LEU B 144 -11.19 4.03 -12.00
N LYS B 145 -12.32 4.20 -11.36
CA LYS B 145 -13.14 5.40 -11.50
C LYS B 145 -13.83 5.51 -10.17
N GLU B 146 -14.16 6.73 -9.79
CA GLU B 146 -14.89 7.01 -8.55
C GLU B 146 -16.31 6.38 -8.56
N GLY B 155 -14.59 -0.79 -14.65
CA GLY B 155 -14.63 -0.24 -13.31
C GLY B 155 -13.62 -0.84 -12.34
N GLN B 156 -13.36 -2.14 -12.46
CA GLN B 156 -12.27 -2.79 -11.74
C GLN B 156 -11.34 -3.44 -12.72
N PRO B 157 -10.03 -3.41 -12.42
CA PRO B 157 -9.02 -3.79 -13.42
C PRO B 157 -8.93 -5.31 -13.49
N SER B 158 -8.40 -5.84 -14.58
CA SER B 158 -8.13 -7.27 -14.59
C SER B 158 -6.79 -7.55 -13.90
N VAL B 159 -5.97 -6.52 -13.80
CA VAL B 159 -4.57 -6.66 -13.47
C VAL B 159 -4.12 -5.52 -12.53
N LEU B 160 -3.15 -5.80 -11.67
CA LEU B 160 -2.58 -4.79 -10.78
C LEU B 160 -2.30 -3.47 -11.53
N GLN B 161 -2.77 -2.37 -10.96
CA GLN B 161 -2.56 -1.06 -11.56
C GLN B 161 -1.46 -0.28 -10.80
N VAL B 162 -0.84 0.68 -11.48
CA VAL B 162 0.25 1.44 -10.91
C VAL B 162 0.07 2.90 -11.32
N VAL B 163 0.34 3.83 -10.39
CA VAL B 163 0.39 5.27 -10.71
C VAL B 163 1.48 5.98 -9.88
N ASN B 164 2.19 6.92 -10.48
CA ASN B 164 3.23 7.69 -9.79
C ASN B 164 2.71 9.11 -9.54
N LEU B 165 2.90 9.61 -8.32
CA LEU B 165 2.28 10.86 -7.86
C LEU B 165 3.26 11.69 -7.05
N PRO B 166 3.22 13.02 -7.20
CA PRO B 166 4.09 13.86 -6.37
C PRO B 166 3.55 14.13 -4.98
N ILE B 167 4.46 14.22 -4.02
CA ILE B 167 4.13 14.68 -2.68
C ILE B 167 3.69 16.14 -2.81
N VAL B 168 2.72 16.53 -2.01
CA VAL B 168 2.16 17.87 -2.06
C VAL B 168 2.49 18.61 -0.75
N GLU B 169 2.81 19.90 -0.90
CA GLU B 169 3.09 20.78 0.22
C GLU B 169 1.99 20.67 1.28
N ARG B 170 2.40 20.66 2.54
CA ARG B 170 1.50 20.49 3.68
C ARG B 170 0.32 21.50 3.77
N PRO B 171 0.56 22.78 3.47
CA PRO B 171 -0.50 23.81 3.47
C PRO B 171 -1.52 23.65 2.35
N VAL B 172 -1.06 23.29 1.16
CA VAL B 172 -1.95 22.84 0.08
C VAL B 172 -2.83 21.66 0.49
N CYS B 173 -2.25 20.68 1.17
CA CYS B 173 -3.01 19.55 1.68
C CYS B 173 -4.08 20.02 2.68
N LYS B 174 -3.69 20.89 3.61
CA LYS B 174 -4.64 21.38 4.60
C LYS B 174 -5.76 22.21 3.97
N ASP B 175 -5.41 23.05 3.01
CA ASP B 175 -6.40 23.93 2.38
C ASP B 175 -7.32 23.22 1.37
N SER B 176 -7.13 21.92 1.18
CA SER B 176 -7.95 21.20 0.24
C SER B 176 -9.12 20.53 0.93
N THR B 177 -9.13 20.54 2.25
CA THR B 177 -10.09 19.74 2.98
C THR B 177 -10.55 20.43 4.24
N ARG B 178 -11.70 20.00 4.74
CA ARG B 178 -12.18 20.44 6.03
C ARG B 178 -11.71 19.50 7.13
N ILE B 179 -11.20 18.33 6.75
CA ILE B 179 -10.71 17.34 7.72
C ILE B 179 -9.40 17.85 8.36
N ARG B 180 -9.30 17.70 9.68
CA ARG B 180 -8.07 18.02 10.40
C ARG B 180 -6.91 17.05 10.05
N ILE B 181 -5.91 17.59 9.37
CA ILE B 181 -4.67 16.86 9.02
C ILE B 181 -3.67 16.87 10.19
N THR B 182 -2.99 15.75 10.43
CA THR B 182 -2.00 15.62 11.50
C THR B 182 -0.63 15.35 10.89
N ASP B 183 0.38 15.26 11.76
CA ASP B 183 1.75 15.02 11.32
C ASP B 183 1.96 13.57 10.92
N ASN B 184 0.98 12.72 11.22
CA ASN B 184 1.02 11.31 10.86
C ASN B 184 0.45 11.02 9.47
N MET B 185 0.26 12.07 8.68
CA MET B 185 -0.34 11.98 7.35
C MET B 185 0.48 12.82 6.40
N PHE B 186 0.49 12.43 5.14
CA PHE B 186 0.88 13.35 4.09
C PHE B 186 -0.06 13.16 2.88
N CYS B 187 -0.06 14.11 1.97
CA CYS B 187 -0.92 14.01 0.80
C CYS B 187 -0.14 14.06 -0.50
N ALA B 188 -0.64 13.36 -1.50
CA ALA B 188 0.02 13.25 -2.78
C ALA B 188 -0.98 13.34 -3.93
N GLY B 189 -0.53 13.92 -5.03
CA GLY B 189 -1.41 14.14 -6.15
C GLY B 189 -0.98 15.35 -6.94
N TYR B 190 -1.45 15.40 -8.18
CA TYR B 190 -1.22 16.54 -9.03
C TYR B 190 -2.21 17.66 -8.72
N LYS B 191 -1.73 18.89 -8.79
CA LYS B 191 -2.60 20.06 -8.72
C LYS B 191 -3.45 20.10 -10.00
N PRO B 192 -4.60 20.78 -9.94
CA PRO B 192 -5.47 20.99 -11.11
C PRO B 192 -4.75 21.55 -12.35
N ASP B 193 -3.80 22.45 -12.11
CA ASP B 193 -3.11 23.11 -13.22
C ASP B 193 -1.98 22.28 -13.82
N GLU B 194 -1.57 21.21 -13.13
CA GLU B 194 -0.38 20.45 -13.49
C GLU B 194 -0.64 19.57 -14.69
N GLY B 195 -1.91 19.36 -15.00
CA GLY B 195 -2.26 18.65 -16.21
C GLY B 195 -1.90 17.17 -16.24
N LYS B 196 -1.55 16.60 -15.10
CA LYS B 196 -1.48 15.15 -14.99
C LYS B 196 -2.48 14.78 -13.91
N ARG B 197 -3.05 13.57 -14.02
CA ARG B 197 -4.04 13.06 -13.05
C ARG B 197 -3.56 11.78 -12.36
N GLY B 198 -4.45 11.17 -11.60
CA GLY B 198 -4.17 9.88 -10.99
C GLY B 198 -4.45 9.91 -9.49
N ASP B 199 -4.90 8.79 -8.94
CA ASP B 199 -5.22 8.75 -7.53
C ASP B 199 -5.51 7.30 -7.18
N ALA B 200 -5.41 6.99 -5.89
CA ALA B 200 -5.93 5.73 -5.38
C ALA B 200 -7.45 5.87 -5.36
N CYS B 201 -8.14 4.78 -5.08
CA CYS B 201 -9.59 4.81 -5.04
C CYS B 201 -10.03 3.70 -4.10
N GLU B 202 -11.33 3.39 -4.11
CA GLU B 202 -11.89 2.37 -3.25
C GLU B 202 -11.27 1.02 -3.63
N GLY B 203 -10.88 0.23 -2.63
CA GLY B 203 -10.26 -1.06 -2.89
C GLY B 203 -8.75 -1.00 -2.88
N ASP B 204 -8.18 0.20 -2.99
CA ASP B 204 -6.73 0.41 -2.92
C ASP B 204 -6.22 0.63 -1.49
N SER B 205 -7.12 1.13 -0.63
CA SER B 205 -6.89 1.24 0.82
C SER B 205 -5.86 0.25 1.33
N GLY B 206 -4.93 0.71 2.18
CA GLY B 206 -4.05 -0.22 2.86
C GLY B 206 -2.84 -0.56 2.02
N GLY B 207 -2.84 -0.14 0.77
CA GLY B 207 -1.73 -0.41 -0.12
C GLY B 207 -0.55 0.51 0.10
N PRO B 208 0.59 0.19 -0.53
CA PRO B 208 1.86 0.91 -0.36
C PRO B 208 2.02 2.14 -1.24
N PHE B 209 2.51 3.22 -0.64
CA PHE B 209 3.08 4.33 -1.40
C PHE B 209 4.61 4.19 -1.23
N VAL B 210 5.32 3.93 -2.32
CA VAL B 210 6.74 3.61 -2.21
C VAL B 210 7.56 4.60 -2.99
N MET B 211 8.82 4.74 -2.59
CA MET B 211 9.76 5.56 -3.34
C MET B 211 11.04 4.75 -3.51
N LYS B 212 11.75 4.97 -4.60
CA LYS B 212 13.05 4.33 -4.82
C LYS B 212 14.19 5.26 -4.40
N SER B 213 14.94 4.87 -3.38
CA SER B 213 16.09 5.66 -2.97
C SER B 213 17.12 5.79 -4.11
N PRO B 214 17.52 7.04 -4.42
CA PRO B 214 18.60 7.29 -5.38
C PRO B 214 20.02 7.01 -4.80
N PHE B 215 20.11 6.71 -3.51
CA PHE B 215 21.40 6.50 -2.86
C PHE B 215 21.79 5.04 -2.83
N ASN B 216 20.82 4.16 -2.56
CA ASN B 216 21.10 2.73 -2.53
C ASN B 216 20.22 1.89 -3.47
N ASN B 217 19.39 2.58 -4.26
CA ASN B 217 18.50 1.98 -5.25
C ASN B 217 17.53 0.95 -4.68
N ARG B 218 17.18 1.14 -3.42
CA ARG B 218 16.19 0.27 -2.81
C ARG B 218 14.81 0.93 -2.79
N TRP B 219 13.77 0.10 -2.78
CA TRP B 219 12.42 0.62 -2.62
C TRP B 219 12.05 0.69 -1.16
N TYR B 220 11.52 1.86 -0.77
CA TYR B 220 11.06 2.08 0.60
C TYR B 220 9.58 2.42 0.62
N GLN B 221 8.83 1.84 1.55
CA GLN B 221 7.44 2.24 1.72
C GLN B 221 7.31 3.46 2.65
N MET B 222 6.94 4.61 2.07
CA MET B 222 6.82 5.86 2.80
C MET B 222 5.41 6.06 3.35
N GLY B 223 4.41 5.54 2.61
CA GLY B 223 3.02 5.75 2.99
C GLY B 223 2.12 4.54 2.85
N ILE B 224 0.97 4.58 3.52
CA ILE B 224 -0.11 3.61 3.35
C ILE B 224 -1.31 4.38 2.83
N VAL B 225 -1.94 3.91 1.74
CA VAL B 225 -3.18 4.50 1.23
C VAL B 225 -4.25 4.57 2.35
N SER B 226 -4.64 5.79 2.72
CA SER B 226 -5.49 5.98 3.88
C SER B 226 -6.87 6.50 3.50
N TRP B 227 -6.95 7.72 3.00
CA TRP B 227 -8.25 8.32 2.72
C TRP B 227 -8.19 9.38 1.66
N GLY B 228 -9.36 9.61 1.05
CA GLY B 228 -9.49 10.71 0.13
C GLY B 228 -10.96 11.09 0.03
N GLU B 229 -11.22 12.19 -0.61
CA GLU B 229 -12.58 12.63 -0.81
C GLU B 229 -12.91 12.56 -2.30
N GLY B 230 -13.59 11.48 -2.67
CA GLY B 230 -13.70 11.13 -4.09
C GLY B 230 -12.41 10.49 -4.57
N CYS B 231 -12.31 10.24 -5.87
CA CYS B 231 -11.10 9.66 -6.44
C CYS B 231 -10.75 10.49 -7.65
N ASP B 232 -9.59 11.14 -7.58
CA ASP B 232 -9.06 11.91 -8.69
C ASP B 232 -9.95 13.12 -9.00
N ARG B 233 -10.49 13.75 -7.95
CA ARG B 233 -11.19 15.02 -8.10
C ARG B 233 -10.15 16.10 -8.21
N ASP B 234 -10.40 17.12 -9.04
CA ASP B 234 -9.50 18.27 -9.07
C ASP B 234 -9.55 19.05 -7.77
N GLY B 235 -8.37 19.45 -7.32
CA GLY B 235 -8.26 20.20 -6.08
C GLY B 235 -8.40 19.33 -4.85
N LYS B 236 -8.48 18.02 -5.04
CA LYS B 236 -8.50 17.09 -3.92
C LYS B 236 -7.22 16.24 -4.00
N TYR B 237 -6.81 15.68 -2.86
CA TYR B 237 -5.58 14.91 -2.83
C TYR B 237 -5.77 13.60 -2.06
N GLY B 238 -4.91 12.62 -2.36
CA GLY B 238 -4.90 11.39 -1.59
C GLY B 238 -4.08 11.60 -0.33
N PHE B 239 -4.55 11.03 0.78
CA PHE B 239 -3.85 11.15 2.04
C PHE B 239 -3.34 9.79 2.44
N TYR B 240 -2.14 9.79 3.00
CA TYR B 240 -1.42 8.56 3.25
C TYR B 240 -0.90 8.60 4.69
N THR B 241 -0.98 7.47 5.37
CA THR B 241 -0.28 7.29 6.63
C THR B 241 1.25 7.45 6.49
N HIS B 242 1.80 8.29 7.35
CA HIS B 242 3.24 8.59 7.38
C HIS B 242 4.00 7.46 8.07
N VAL B 243 4.55 6.53 7.30
CA VAL B 243 5.04 5.26 7.88
C VAL B 243 6.19 5.52 8.83
N PHE B 244 7.10 6.42 8.46
CA PHE B 244 8.22 6.69 9.34
C PHE B 244 7.83 7.27 10.70
N ARG B 245 6.83 8.13 10.73
CA ARG B 245 6.35 8.70 11.98
C ARG B 245 5.86 7.61 12.89
N LEU B 246 5.43 6.49 12.32
CA LEU B 246 4.86 5.41 13.13
C LEU B 246 5.74 4.13 13.19
N LYS B 247 6.99 4.28 12.80
CA LYS B 247 7.91 3.16 12.75
C LYS B 247 8.29 2.69 14.13
N LYS B 248 8.24 3.59 15.11
CA LYS B 248 8.54 3.20 16.48
C LYS B 248 7.51 2.20 17.00
N TRP B 249 6.26 2.41 16.61
CA TRP B 249 5.21 1.47 16.95
C TRP B 249 5.43 0.14 16.22
N ILE B 250 5.82 0.23 14.96
CA ILE B 250 6.09 -0.96 14.16
C ILE B 250 7.18 -1.81 14.80
N GLN B 251 8.29 -1.19 15.14
CA GLN B 251 9.43 -1.88 15.75
C GLN B 251 9.01 -2.55 17.04
N LYS B 252 8.33 -1.78 17.88
CA LYS B 252 7.78 -2.26 19.13
C LYS B 252 6.94 -3.55 18.97
N VAL B 253 5.96 -3.54 18.07
CA VAL B 253 5.11 -4.70 17.86
C VAL B 253 5.93 -5.90 17.40
N ILE B 254 6.84 -5.65 16.47
CA ILE B 254 7.50 -6.74 15.80
C ILE B 254 8.45 -7.46 16.74
N ASP B 255 9.22 -6.71 17.52
CA ASP B 255 10.15 -7.39 18.38
C ASP B 255 9.62 -7.61 19.79
N GLN B 256 8.35 -7.32 20.00
CA GLN B 256 7.67 -7.81 21.18
C GLN B 256 7.01 -9.15 20.88
N PHE B 257 6.47 -9.27 19.66
CA PHE B 257 5.74 -10.47 19.27
C PHE B 257 6.43 -11.25 18.14
N ASP C 1 -17.21 -13.22 -9.94
CA ASP C 1 -16.01 -12.49 -10.46
C ASP C 1 -14.74 -13.18 -10.00
N PHE C 2 -14.60 -13.39 -8.70
CA PHE C 2 -13.40 -14.00 -8.15
C PHE C 2 -13.37 -15.51 -8.40
N GLU C 3 -12.27 -15.98 -8.98
CA GLU C 3 -12.07 -17.40 -9.16
C GLU C 3 -11.88 -18.09 -7.82
N GLU C 4 -12.49 -19.26 -7.69
CA GLU C 4 -12.47 -20.01 -6.45
C GLU C 4 -11.05 -20.45 -6.11
N ILE C 5 -10.69 -20.27 -4.84
CA ILE C 5 -9.37 -20.66 -4.39
C ILE C 5 -9.45 -22.06 -3.82
N PRO C 6 -8.30 -22.74 -3.65
CA PRO C 6 -8.30 -24.08 -3.04
C PRO C 6 -8.93 -24.08 -1.65
N GLU C 7 -9.84 -25.03 -1.42
CA GLU C 7 -10.59 -25.08 -0.17
C GLU C 7 -9.65 -25.33 0.99
N GLU C 8 -8.47 -25.85 0.70
CA GLU C 8 -7.45 -25.98 1.74
C GLU C 8 -7.28 -24.65 2.48
N LEU C 10 -9.55 -22.02 2.63
CA LEU C 10 -10.79 -21.51 3.24
C LEU C 10 -11.10 -22.25 4.53
N GLN C 11 -10.27 -23.22 4.88
CA GLN C 11 -10.45 -24.00 6.09
C GLN C 11 -10.00 -23.16 7.29
#